data_8F87
#
_entry.id   8F87
#
_cell.length_a   113.199
_cell.length_b   113.199
_cell.length_c   306.021
_cell.angle_alpha   90.00
_cell.angle_beta   90.00
_cell.angle_gamma   120.00
#
_symmetry.space_group_name_H-M   'H 3 2'
#
loop_
_entity.id
_entity.type
_entity.pdbx_description
1 polymer GP1
2 polymer GP2
3 branched alpha-D-mannopyranose-(1-3)-[alpha-D-mannopyranose-(1-6)]beta-D-mannopyranose-(1-4)-2-acetamido-2-deoxy-beta-D-glucopyranose-(1-4)-2-acetamido-2-deoxy-beta-D-glucopyranose
4 non-polymer 2-acetamido-2-deoxy-beta-D-glucopyranose
5 non-polymer [(4S)-4-amino-3,3-dimethylpiperidin-1-yl][(1S,3R,5R,7S)-3-methyl-5-phenyladamantan-1-yl]methanone
6 non-polymer GLYCEROL
7 water water
#
loop_
_entity_poly.entity_id
_entity_poly.type
_entity_poly.pdbx_seq_one_letter_code
_entity_poly.pdbx_strand_id
1 'polypeptide(L)'
;ETGRSIPLGVIHNSALQVSDVDKLVCRDKLSSTNQLRSVGLNLEGNGVATDVPSATKRWGFRSGVPPKVVNYEAGEWAEN
CYNLEIKKPDGSECLPAAPDGIRGFPRCRYVHKVSGTGPCAGDFAFHKEGAFFLYDRLASTVIYRGTTFAEGVVAFLILP
QAKKDFFSSHPLREPVNATEDPSSGYYSTTIRYQATGFGTNETEYLFEVDNLTYVQLESRFTPQFLLQLNETIYTSGKRS
NTTGKLIWKVNPEIDTTIGEWAFWETKKNLTRKIRSEELSFTVVS(UNK)(UNK)(UNK)(UNK)(UNK)(UNK)
;
A
2 'polypeptide(L)'
;EAIVNAQPKCNPNLHYWTTQDEGAAIGLAWIPYFGPAAEGIYIEGLMHNQDGLICGLRQLANETTQALQLFLRATTELRT
FSILNRKAIDFLLQRWGGTCHILGPDCCIEPADWTKNITDKIDQIIHDFVDGSGYIPEAPRDGQAYVRKDGEWVLLSTFL
GTHHHHHH
;
B
#
loop_
_chem_comp.id
_chem_comp.type
_chem_comp.name
_chem_comp.formula
BMA D-saccharide, beta linking beta-D-mannopyranose 'C6 H12 O6'
GOL non-polymer GLYCEROL 'C3 H8 O3'
MAN D-saccharide, alpha linking alpha-D-mannopyranose 'C6 H12 O6'
NAG D-saccharide, beta linking 2-acetamido-2-deoxy-beta-D-glucopyranose 'C8 H15 N O6'
XJ5 non-polymer [(4S)-4-amino-3,3-dimethylpiperidin-1-yl][(1S,3R,5R,7S)-3-methyl-5-phenyladamantan-1-yl]methanone 'C25 H36 N2 O'
#
# COMPACT_ATOMS: atom_id res chain seq x y z
N SER A 5 -12.98 -12.86 12.80
CA SER A 5 -12.81 -13.33 11.44
C SER A 5 -12.35 -12.20 10.50
N ILE A 6 -11.45 -12.53 9.60
CA ILE A 6 -11.02 -11.54 8.59
C ILE A 6 -12.14 -11.34 7.58
N PRO A 7 -12.59 -10.10 7.36
CA PRO A 7 -13.70 -9.89 6.43
C PRO A 7 -13.35 -10.29 5.00
N LEU A 8 -14.37 -10.75 4.28
CA LEU A 8 -14.23 -11.16 2.89
C LEU A 8 -15.24 -10.39 2.04
N GLY A 9 -14.76 -9.75 0.97
CA GLY A 9 -15.63 -8.95 0.12
C GLY A 9 -16.27 -9.79 -0.97
N VAL A 10 -17.55 -9.54 -1.20
CA VAL A 10 -18.33 -10.25 -2.22
C VAL A 10 -19.32 -9.29 -2.84
N ILE A 11 -19.58 -9.47 -4.13
CA ILE A 11 -20.48 -8.60 -4.88
C ILE A 11 -21.89 -9.18 -4.83
N HIS A 12 -22.79 -8.49 -4.13
CA HIS A 12 -24.19 -8.89 -4.03
C HIS A 12 -25.07 -7.70 -4.43
N ASN A 13 -26.03 -7.96 -5.31
CA ASN A 13 -26.99 -6.92 -5.74
C ASN A 13 -26.27 -5.68 -6.27
N SER A 14 -25.28 -5.91 -7.13
CA SER A 14 -24.55 -4.82 -7.79
C SER A 14 -23.84 -3.93 -6.78
N ALA A 15 -23.41 -4.50 -5.66
CA ALA A 15 -22.72 -3.74 -4.64
C ALA A 15 -21.81 -4.66 -3.85
N LEU A 16 -20.67 -4.11 -3.42
CA LEU A 16 -19.73 -4.87 -2.61
C LEU A 16 -20.20 -4.91 -1.16
N GLN A 17 -20.02 -6.07 -0.53
CA GLN A 17 -20.47 -6.28 0.83
C GLN A 17 -19.46 -7.17 1.55
N VAL A 18 -19.53 -7.16 2.87
CA VAL A 18 -18.72 -8.05 3.70
C VAL A 18 -19.56 -9.27 4.04
N SER A 19 -19.08 -10.45 3.66
CA SER A 19 -19.83 -11.68 3.86
C SER A 19 -19.76 -12.11 5.31
N ASP A 20 -20.90 -12.53 5.85
CA ASP A 20 -21.01 -12.97 7.24
C ASP A 20 -20.95 -14.49 7.31
N VAL A 21 -20.04 -15.01 8.12
CA VAL A 21 -19.94 -16.46 8.28
C VAL A 21 -21.24 -17.03 8.82
N ASP A 22 -21.99 -16.25 9.59
CA ASP A 22 -23.26 -16.72 10.12
C ASP A 22 -24.37 -16.54 9.10
N LYS A 23 -24.12 -17.02 7.89
CA LYS A 23 -25.09 -16.91 6.80
C LYS A 23 -24.54 -17.70 5.64
N LEU A 24 -25.19 -18.82 5.30
CA LEU A 24 -24.82 -19.64 4.17
C LEU A 24 -25.76 -19.30 3.01
N VAL A 25 -25.21 -18.74 1.94
CA VAL A 25 -25.95 -18.44 0.74
C VAL A 25 -25.44 -19.38 -0.34
N CYS A 26 -26.27 -20.34 -0.74
CA CYS A 26 -25.88 -21.32 -1.75
C CYS A 26 -25.71 -20.72 -3.13
N ARG A 27 -26.22 -19.49 -3.36
CA ARG A 27 -26.12 -18.88 -4.68
C ARG A 27 -24.66 -18.59 -5.05
N ASP A 28 -23.85 -18.16 -4.08
CA ASP A 28 -22.45 -17.88 -4.36
C ASP A 28 -21.74 -19.17 -4.76
N LYS A 29 -21.01 -19.11 -5.86
CA LYS A 29 -20.22 -20.23 -6.36
C LYS A 29 -18.75 -19.86 -6.30
N LEU A 30 -17.97 -20.64 -5.55
CA LEU A 30 -16.52 -20.53 -5.54
C LEU A 30 -16.00 -21.78 -6.26
N SER A 31 -15.75 -21.63 -7.56
CA SER A 31 -15.38 -22.76 -8.40
C SER A 31 -13.87 -23.02 -8.44
N SER A 32 -13.06 -22.06 -8.01
CA SER A 32 -11.61 -22.27 -7.98
C SER A 32 -10.97 -21.19 -7.14
N THR A 33 -9.72 -21.46 -6.72
CA THR A 33 -8.98 -20.48 -5.94
C THR A 33 -8.68 -19.21 -6.74
N ASN A 34 -8.80 -19.27 -8.06
CA ASN A 34 -8.62 -18.07 -8.87
C ASN A 34 -9.66 -17.00 -8.56
N GLN A 35 -10.81 -17.38 -8.02
CA GLN A 35 -11.82 -16.41 -7.66
C GLN A 35 -11.44 -15.61 -6.41
N LEU A 36 -10.53 -16.12 -5.60
CA LEU A 36 -10.12 -15.46 -4.37
C LEU A 36 -8.95 -14.53 -4.67
N ARG A 37 -9.05 -13.28 -4.25
CA ARG A 37 -7.97 -12.33 -4.51
C ARG A 37 -7.73 -11.44 -3.30
N SER A 38 -6.45 -11.17 -3.04
CA SER A 38 -6.01 -10.19 -2.06
C SER A 38 -5.56 -8.93 -2.78
N VAL A 39 -5.93 -7.78 -2.22
CA VAL A 39 -5.78 -6.49 -2.88
C VAL A 39 -5.15 -5.50 -1.90
N GLY A 40 -4.23 -4.67 -2.41
CA GLY A 40 -3.63 -3.60 -1.63
C GLY A 40 -4.07 -2.24 -2.16
N LEU A 41 -4.57 -1.40 -1.27
CA LEU A 41 -5.10 -0.09 -1.63
C LEU A 41 -4.39 0.98 -0.83
N ASN A 42 -3.96 2.04 -1.52
CA ASN A 42 -3.13 3.06 -0.91
C ASN A 42 -3.94 4.05 -0.10
N LEU A 43 -3.39 4.48 1.03
CA LEU A 43 -4.02 5.54 1.82
C LEU A 43 -4.23 6.81 0.99
N GLU A 44 -3.41 7.02 -0.05
CA GLU A 44 -3.57 8.16 -0.93
C GLU A 44 -5.02 8.31 -1.38
N GLY A 45 -5.67 7.20 -1.71
CA GLY A 45 -7.02 7.23 -2.24
C GLY A 45 -8.09 7.58 -1.24
N ASN A 46 -7.75 7.59 0.05
CA ASN A 46 -8.68 8.01 1.09
C ASN A 46 -8.54 9.48 1.46
N GLY A 47 -7.59 10.18 0.86
CA GLY A 47 -7.46 11.61 1.05
C GLY A 47 -6.48 12.05 2.11
N VAL A 48 -5.64 11.14 2.60
CA VAL A 48 -4.66 11.52 3.63
C VAL A 48 -3.61 12.44 3.04
N ALA A 49 -3.06 13.32 3.88
CA ALA A 49 -1.98 14.18 3.46
C ALA A 49 -0.76 13.34 3.09
N THR A 50 -0.16 13.64 1.94
CA THR A 50 0.94 12.85 1.41
C THR A 50 2.29 13.58 1.43
N ASP A 51 2.32 14.83 1.88
CA ASP A 51 3.59 15.54 2.02
C ASP A 51 4.45 14.85 3.08
N VAL A 52 5.77 14.95 2.90
CA VAL A 52 6.69 14.23 3.79
C VAL A 52 6.45 14.58 5.25
N PRO A 53 6.36 15.85 5.65
CA PRO A 53 6.12 16.15 7.08
C PRO A 53 4.87 15.50 7.63
N SER A 54 3.79 15.48 6.85
CA SER A 54 2.56 14.85 7.34
C SER A 54 2.69 13.34 7.37
N ALA A 55 3.27 12.75 6.31
CA ALA A 55 3.37 11.29 6.24
C ALA A 55 4.25 10.73 7.35
N THR A 56 5.39 11.38 7.62
CA THR A 56 6.29 10.85 8.63
C THR A 56 5.65 10.86 10.02
N LYS A 57 4.79 11.84 10.29
CA LYS A 57 4.19 11.92 11.62
C LYS A 57 3.26 10.75 11.91
N ARG A 58 2.89 9.96 10.91
CA ARG A 58 2.05 8.78 11.11
C ARG A 58 2.85 7.53 11.44
N TRP A 59 4.18 7.61 11.50
CA TRP A 59 5.04 6.47 11.81
C TRP A 59 5.80 6.75 13.10
N GLY A 60 6.11 5.67 13.83
CA GLY A 60 6.77 5.82 15.11
C GLY A 60 7.49 4.55 15.51
N PHE A 61 8.52 4.72 16.34
CA PHE A 61 9.37 3.61 16.76
C PHE A 61 8.84 2.95 18.03
N ARG A 62 8.97 1.63 18.08
CA ARG A 62 8.45 0.83 19.20
C ARG A 62 9.26 -0.46 19.28
N SER A 63 9.34 -1.00 20.49
CA SER A 63 10.06 -2.23 20.77
C SER A 63 9.13 -3.25 21.41
N GLY A 64 9.56 -4.51 21.38
CA GLY A 64 8.78 -5.59 21.96
C GLY A 64 7.72 -6.18 21.08
N VAL A 65 7.55 -5.67 19.86
CA VAL A 65 6.51 -6.17 18.96
C VAL A 65 7.17 -6.80 17.73
N PRO A 66 7.16 -8.13 17.60
CA PRO A 66 7.77 -8.77 16.43
C PRO A 66 7.12 -8.31 15.13
N PRO A 67 7.91 -8.01 14.11
CA PRO A 67 7.34 -7.63 12.82
C PRO A 67 6.59 -8.78 12.17
N LYS A 68 5.64 -8.41 11.30
CA LYS A 68 4.80 -9.38 10.61
C LYS A 68 4.63 -8.96 9.17
N VAL A 69 4.50 -9.95 8.28
CA VAL A 69 4.42 -9.73 6.84
C VAL A 69 3.28 -10.59 6.28
N VAL A 70 2.51 -10.00 5.37
CA VAL A 70 1.42 -10.70 4.68
C VAL A 70 1.45 -10.32 3.21
N ASN A 71 1.21 -11.28 2.33
CA ASN A 71 1.31 -11.00 0.91
C ASN A 71 -0.02 -10.51 0.35
N TYR A 72 0.05 -9.80 -0.78
CA TYR A 72 -1.12 -9.40 -1.55
C TYR A 72 -0.78 -9.48 -3.03
N GLU A 73 -1.80 -9.75 -3.85
CA GLU A 73 -1.57 -10.11 -5.24
C GLU A 73 -1.64 -8.94 -6.21
N ALA A 74 -2.43 -7.92 -5.91
CA ALA A 74 -2.60 -6.79 -6.81
C ALA A 74 -2.53 -5.49 -6.01
N GLY A 75 -2.07 -4.44 -6.68
CA GLY A 75 -1.85 -3.16 -6.03
C GLY A 75 -2.27 -2.01 -6.92
N GLU A 76 -2.19 -0.81 -6.35
CA GLU A 76 -2.62 0.43 -7.00
C GLU A 76 -1.41 1.30 -7.29
N TRP A 77 -1.38 1.86 -8.50
CA TRP A 77 -0.34 2.84 -8.82
C TRP A 77 -0.40 3.98 -7.81
N ALA A 78 0.75 4.36 -7.28
CA ALA A 78 0.82 5.36 -6.23
C ALA A 78 1.39 6.66 -6.79
N GLU A 79 0.81 7.78 -6.36
CA GLU A 79 1.39 9.08 -6.66
C GLU A 79 2.62 9.35 -5.79
N ASN A 80 2.55 8.97 -4.51
CA ASN A 80 3.61 9.26 -3.55
C ASN A 80 4.07 7.97 -2.90
N CYS A 81 5.39 7.80 -2.82
CA CYS A 81 6.02 6.70 -2.11
C CYS A 81 7.14 7.27 -1.26
N TYR A 82 7.65 6.45 -0.35
CA TYR A 82 8.65 6.91 0.60
C TYR A 82 9.76 5.89 0.74
N ASN A 83 10.97 6.40 0.96
CA ASN A 83 12.19 5.59 1.07
C ASN A 83 13.08 6.24 2.12
N LEU A 84 13.32 5.53 3.23
CA LEU A 84 13.93 6.12 4.40
C LEU A 84 15.34 5.59 4.63
N GLU A 85 16.28 6.49 4.91
CA GLU A 85 17.62 6.17 5.37
C GLU A 85 17.88 7.01 6.61
N ILE A 86 17.46 6.50 7.77
CA ILE A 86 17.54 7.22 9.04
C ILE A 86 18.58 6.58 9.93
N LYS A 87 19.42 7.40 10.55
CA LYS A 87 20.44 6.94 11.48
C LYS A 87 20.35 7.73 12.77
N LYS A 88 20.83 7.13 13.84
CA LYS A 88 20.94 7.83 15.11
C LYS A 88 22.08 8.84 15.05
N PRO A 89 22.13 9.79 15.99
CA PRO A 89 23.22 10.78 15.98
C PRO A 89 24.61 10.15 16.02
N ASP A 90 24.75 8.93 16.54
CA ASP A 90 26.03 8.24 16.57
C ASP A 90 26.30 7.41 15.31
N GLY A 91 25.41 7.49 14.31
CA GLY A 91 25.64 6.85 13.04
C GLY A 91 25.11 5.44 12.89
N SER A 92 24.54 4.85 13.95
CA SER A 92 23.97 3.52 13.84
C SER A 92 22.64 3.56 13.09
N GLU A 93 22.41 2.56 12.26
CA GLU A 93 21.20 2.54 11.44
C GLU A 93 19.95 2.46 12.31
N CYS A 94 18.92 3.20 11.92
CA CYS A 94 17.66 3.22 12.66
C CYS A 94 16.66 2.20 12.17
N LEU A 95 16.83 1.69 10.95
CA LEU A 95 15.87 0.76 10.38
C LEU A 95 16.60 -0.50 9.91
N PRO A 96 15.92 -1.65 9.94
CA PRO A 96 16.56 -2.89 9.52
C PRO A 96 16.65 -3.01 8.01
N ALA A 97 17.68 -3.72 7.56
CA ALA A 97 17.82 -4.00 6.14
C ALA A 97 16.62 -4.82 5.65
N ALA A 98 16.26 -4.61 4.40
CA ALA A 98 15.13 -5.31 3.82
C ALA A 98 15.39 -6.82 3.85
N PRO A 99 14.47 -7.62 4.37
CA PRO A 99 14.65 -9.08 4.34
C PRO A 99 14.68 -9.60 2.91
N ASP A 100 15.24 -10.79 2.76
CA ASP A 100 15.33 -11.40 1.44
C ASP A 100 13.95 -11.51 0.80
N GLY A 101 13.88 -11.11 -0.47
CA GLY A 101 12.65 -11.22 -1.23
C GLY A 101 11.67 -10.07 -1.07
N ILE A 102 12.05 -9.00 -0.36
CA ILE A 102 11.19 -7.84 -0.18
C ILE A 102 11.79 -6.70 -1.01
N ARG A 103 11.11 -6.35 -2.10
CA ARG A 103 11.51 -5.26 -2.97
C ARG A 103 10.55 -4.09 -2.79
N GLY A 104 10.95 -2.94 -3.34
CA GLY A 104 10.17 -1.74 -3.19
C GLY A 104 8.85 -1.81 -3.92
N PHE A 105 7.95 -0.89 -3.58
CA PHE A 105 6.65 -0.82 -4.21
C PHE A 105 6.82 -0.62 -5.71
N PRO A 106 6.13 -1.39 -6.55
CA PRO A 106 6.48 -1.42 -7.98
C PRO A 106 6.04 -0.21 -8.79
N ARG A 107 5.12 0.61 -8.31
CA ARG A 107 4.58 1.71 -9.12
C ARG A 107 4.50 2.97 -8.25
N CYS A 108 5.44 3.89 -8.47
CA CYS A 108 5.46 5.16 -7.75
C CYS A 108 5.75 6.29 -8.74
N ARG A 109 4.89 7.30 -8.74
CA ARG A 109 5.16 8.48 -9.56
C ARG A 109 6.23 9.36 -8.92
N TYR A 110 6.20 9.50 -7.60
CA TYR A 110 7.19 10.26 -6.86
C TYR A 110 7.67 9.42 -5.69
N VAL A 111 8.98 9.28 -5.56
CA VAL A 111 9.60 8.56 -4.44
C VAL A 111 10.28 9.62 -3.57
N HIS A 112 9.76 9.82 -2.37
CA HIS A 112 10.32 10.79 -1.43
C HIS A 112 11.41 10.08 -0.63
N LYS A 113 12.66 10.24 -1.07
CA LYS A 113 13.80 9.67 -0.37
C LYS A 113 14.22 10.61 0.75
N VAL A 114 14.10 10.16 2.00
CA VAL A 114 14.42 10.96 3.17
C VAL A 114 15.65 10.38 3.84
N SER A 115 16.65 11.22 4.05
CA SER A 115 17.87 10.85 4.76
C SER A 115 18.10 11.85 5.88
N GLY A 116 18.43 11.35 7.06
CA GLY A 116 18.62 12.23 8.19
C GLY A 116 18.84 11.43 9.47
N THR A 117 18.57 12.09 10.59
CA THR A 117 18.83 11.53 11.91
C THR A 117 17.63 11.74 12.82
N GLY A 118 17.53 10.87 13.82
CA GLY A 118 16.52 10.96 14.84
C GLY A 118 16.88 10.09 16.03
N PRO A 119 16.18 10.26 17.15
CA PRO A 119 16.44 9.39 18.30
C PRO A 119 16.11 7.92 18.04
N CYS A 120 15.03 7.64 17.31
CA CYS A 120 14.61 6.26 17.02
C CYS A 120 14.55 5.44 18.30
N ALA A 121 13.69 5.86 19.22
CA ALA A 121 13.52 5.18 20.51
C ALA A 121 12.58 3.99 20.35
N GLY A 122 13.07 2.99 19.61
CA GLY A 122 12.31 1.79 19.34
C GLY A 122 12.99 0.88 18.34
N ASP A 123 12.78 -0.44 18.48
CA ASP A 123 13.46 -1.39 17.62
C ASP A 123 12.92 -1.39 16.19
N PHE A 124 11.64 -1.05 16.01
CA PHE A 124 11.06 -1.06 14.68
C PHE A 124 10.17 0.15 14.49
N ALA A 125 9.97 0.52 13.23
CA ALA A 125 9.08 1.63 12.87
C ALA A 125 7.74 1.06 12.43
N PHE A 126 6.67 1.45 13.12
CA PHE A 126 5.31 1.00 12.86
C PHE A 126 4.44 2.17 12.42
N HIS A 127 3.29 1.84 11.85
CA HIS A 127 2.29 2.83 11.49
C HIS A 127 1.41 3.11 12.70
N LYS A 128 1.34 4.38 13.10
CA LYS A 128 0.61 4.76 14.30
C LYS A 128 -0.90 4.58 14.15
N GLU A 129 -1.40 4.51 12.92
CA GLU A 129 -2.82 4.33 12.66
C GLU A 129 -3.16 2.88 12.29
N GLY A 130 -2.22 1.96 12.43
CA GLY A 130 -2.47 0.57 12.15
C GLY A 130 -2.38 0.18 10.69
N ALA A 131 -2.11 1.12 9.80
CA ALA A 131 -2.01 0.80 8.39
C ALA A 131 -0.78 -0.05 8.14
N PHE A 132 -0.56 -0.39 6.86
CA PHE A 132 0.54 -1.24 6.45
C PHE A 132 1.48 -0.48 5.53
N PHE A 133 2.72 -0.93 5.52
CA PHE A 133 3.71 -0.48 4.56
C PHE A 133 3.73 -1.46 3.40
N LEU A 134 3.38 -0.99 2.22
CA LEU A 134 3.21 -1.81 1.03
C LEU A 134 4.51 -1.82 0.25
N TYR A 135 5.02 -3.03 0.03
CA TYR A 135 6.18 -3.36 -0.77
C TYR A 135 5.70 -4.15 -1.98
N ASP A 136 6.64 -4.75 -2.72
CA ASP A 136 6.26 -5.49 -3.92
C ASP A 136 5.51 -6.77 -3.57
N ARG A 137 4.18 -6.70 -3.57
CA ARG A 137 3.31 -7.83 -3.28
C ARG A 137 3.52 -8.38 -1.86
N LEU A 138 4.15 -7.60 -0.98
CA LEU A 138 4.25 -7.93 0.42
C LEU A 138 3.97 -6.67 1.23
N ALA A 139 3.11 -6.79 2.24
CA ALA A 139 2.79 -5.72 3.16
C ALA A 139 3.38 -6.06 4.52
N SER A 140 4.12 -5.11 5.08
CA SER A 140 4.78 -5.29 6.36
C SER A 140 4.21 -4.32 7.38
N THR A 141 4.31 -4.70 8.66
CA THR A 141 3.93 -3.81 9.75
C THR A 141 5.04 -2.81 10.11
N VAL A 142 6.23 -2.95 9.53
CA VAL A 142 7.37 -2.10 9.89
C VAL A 142 8.07 -1.61 8.63
N ILE A 143 8.85 -0.54 8.79
CA ILE A 143 9.56 0.09 7.69
C ILE A 143 10.95 -0.52 7.57
N TYR A 144 11.34 -0.85 6.33
CA TYR A 144 12.67 -1.37 6.05
C TYR A 144 13.56 -0.28 5.46
N ARG A 145 14.84 -0.35 5.80
CA ARG A 145 15.78 0.70 5.40
C ARG A 145 15.94 0.75 3.88
N GLY A 146 15.91 1.97 3.34
CA GLY A 146 16.21 2.18 1.93
C GLY A 146 15.33 1.44 0.96
N THR A 147 14.12 1.07 1.37
CA THR A 147 13.20 0.32 0.52
C THR A 147 11.95 1.15 0.28
N THR A 148 11.58 1.30 -0.99
CA THR A 148 10.43 2.11 -1.36
C THR A 148 9.14 1.41 -0.96
N PHE A 149 8.21 2.16 -0.37
CA PHE A 149 6.95 1.61 0.11
C PHE A 149 5.86 2.65 -0.03
N ALA A 150 4.61 2.19 0.02
CA ALA A 150 3.46 3.08 0.06
C ALA A 150 2.60 2.75 1.27
N GLU A 151 1.92 3.74 1.83
CA GLU A 151 1.00 3.45 2.91
C GLU A 151 -0.28 2.84 2.33
N GLY A 152 -0.74 1.75 2.93
CA GLY A 152 -1.92 1.10 2.37
C GLY A 152 -2.53 0.10 3.32
N VAL A 153 -3.62 -0.51 2.85
CA VAL A 153 -4.35 -1.53 3.60
C VAL A 153 -4.71 -2.66 2.63
N VAL A 154 -5.06 -3.82 3.21
CA VAL A 154 -5.30 -5.03 2.45
C VAL A 154 -6.76 -5.44 2.59
N ALA A 155 -7.34 -5.90 1.47
CA ALA A 155 -8.68 -6.43 1.43
C ALA A 155 -8.66 -7.80 0.76
N PHE A 156 -9.62 -8.64 1.12
CA PHE A 156 -9.77 -9.97 0.53
C PHE A 156 -11.16 -10.11 -0.05
N LEU A 157 -11.25 -10.68 -1.25
CA LEU A 157 -12.56 -10.74 -1.89
C LEU A 157 -12.67 -11.97 -2.78
N ILE A 158 -13.92 -12.28 -3.13
CA ILE A 158 -14.27 -13.38 -4.02
C ILE A 158 -14.80 -12.78 -5.31
N LEU A 159 -14.10 -13.04 -6.41
CA LEU A 159 -14.61 -12.64 -7.71
C LEU A 159 -15.81 -13.51 -8.09
N PRO A 160 -16.80 -12.94 -8.78
CA PRO A 160 -17.85 -13.78 -9.35
C PRO A 160 -17.30 -14.63 -10.50
N GLN A 161 -17.90 -15.80 -10.67
CA GLN A 161 -17.46 -16.73 -11.71
C GLN A 161 -17.70 -16.16 -13.10
N SER A 184 -0.66 5.82 -21.04
CA SER A 184 0.75 6.21 -20.98
C SER A 184 1.59 5.11 -20.33
N GLY A 185 2.88 5.38 -20.17
CA GLY A 185 3.81 4.45 -19.58
C GLY A 185 4.06 4.72 -18.11
N TYR A 186 5.16 4.18 -17.60
CA TYR A 186 5.54 4.30 -16.21
C TYR A 186 6.72 5.24 -16.08
N TYR A 187 6.54 6.32 -15.32
CA TYR A 187 7.58 7.32 -15.09
C TYR A 187 7.69 7.56 -13.59
N SER A 188 8.91 7.48 -13.08
CA SER A 188 9.16 7.63 -11.66
C SER A 188 10.22 8.71 -11.44
N THR A 189 9.98 9.57 -10.45
CA THR A 189 10.89 10.67 -10.12
C THR A 189 11.20 10.63 -8.63
N THR A 190 12.46 10.83 -8.28
CA THR A 190 12.94 10.74 -6.91
C THR A 190 13.17 12.14 -6.36
N ILE A 191 12.48 12.47 -5.27
CA ILE A 191 12.63 13.76 -4.60
C ILE A 191 13.35 13.51 -3.28
N ARG A 192 14.49 14.16 -3.10
CA ARG A 192 15.39 13.89 -1.99
C ARG A 192 15.24 14.93 -0.88
N TYR A 193 15.24 14.45 0.36
CA TYR A 193 15.08 15.29 1.52
C TYR A 193 16.16 14.97 2.54
N GLN A 194 16.43 15.96 3.40
CA GLN A 194 17.29 15.79 4.57
CA GLN A 194 17.29 15.80 4.56
C GLN A 194 16.46 16.08 5.81
N ALA A 195 16.66 15.27 6.84
CA ALA A 195 15.86 15.39 8.05
C ALA A 195 16.72 15.39 9.30
N THR A 196 16.28 16.15 10.29
CA THR A 196 16.85 16.10 11.63
C THR A 196 15.74 15.94 12.65
N GLY A 197 16.04 15.24 13.73
CA GLY A 197 15.01 14.94 14.72
C GLY A 197 13.88 14.09 14.16
N PHE A 198 14.22 13.08 13.36
CA PHE A 198 13.20 12.25 12.74
C PHE A 198 12.41 11.50 13.82
N GLY A 199 11.11 11.53 13.67
CA GLY A 199 10.25 10.81 14.57
C GLY A 199 9.90 11.55 15.84
N THR A 200 10.09 12.87 15.88
CA THR A 200 9.76 13.67 17.04
C THR A 200 8.82 14.80 16.62
N ASN A 201 8.54 15.69 17.56
CA ASN A 201 7.61 16.81 17.29
C ASN A 201 8.41 18.07 16.99
N GLU A 202 9.68 17.91 16.65
CA GLU A 202 10.53 19.05 16.29
C GLU A 202 11.39 18.63 15.11
N THR A 203 10.81 17.84 14.22
CA THR A 203 11.57 17.33 13.06
C THR A 203 11.72 18.48 12.08
N GLU A 204 12.87 18.53 11.43
CA GLU A 204 13.15 19.55 10.44
C GLU A 204 13.52 18.89 9.12
N TYR A 205 12.98 19.43 8.03
CA TYR A 205 13.13 18.86 6.69
C TYR A 205 13.67 19.91 5.73
N LEU A 206 14.53 19.45 4.82
CA LEU A 206 15.06 20.26 3.74
C LEU A 206 14.88 19.51 2.43
N PHE A 207 14.31 20.18 1.43
CA PHE A 207 14.31 19.66 0.07
C PHE A 207 15.67 19.89 -0.55
N GLU A 208 16.25 18.84 -1.15
CA GLU A 208 17.62 18.90 -1.66
C GLU A 208 17.59 19.24 -3.14
N VAL A 209 18.21 20.36 -3.52
CA VAL A 209 18.39 20.71 -4.92
C VAL A 209 19.67 20.10 -5.48
N ASP A 210 20.78 20.31 -4.79
CA ASP A 210 22.01 19.55 -5.00
C ASP A 210 22.63 19.31 -3.63
N ASN A 211 23.87 18.81 -3.62
CA ASN A 211 24.49 18.45 -2.36
C ASN A 211 24.82 19.67 -1.50
N LEU A 212 24.76 20.88 -2.04
CA LEU A 212 25.04 22.08 -1.27
C LEU A 212 23.92 23.11 -1.30
N THR A 213 22.80 22.83 -1.98
CA THR A 213 21.68 23.75 -2.06
C THR A 213 20.43 23.07 -1.52
N TYR A 214 19.76 23.73 -0.57
CA TYR A 214 18.59 23.17 0.08
C TYR A 214 17.52 24.23 0.22
N VAL A 215 16.28 23.78 0.27
CA VAL A 215 15.10 24.65 0.41
C VAL A 215 14.33 24.22 1.64
N GLN A 216 14.03 25.17 2.52
CA GLN A 216 13.21 24.84 3.68
C GLN A 216 11.86 24.32 3.24
N LEU A 217 11.37 23.28 3.90
CA LEU A 217 10.19 22.55 3.47
C LEU A 217 9.07 22.65 4.51
N GLU A 218 7.84 22.73 4.02
CA GLU A 218 6.66 22.62 4.86
C GLU A 218 5.63 21.75 4.15
N SER A 219 4.47 21.58 4.80
CA SER A 219 3.46 20.66 4.27
C SER A 219 2.84 21.18 2.98
N ARG A 220 2.83 22.49 2.77
CA ARG A 220 2.19 23.08 1.60
C ARG A 220 2.83 22.64 0.29
N PHE A 221 4.07 22.16 0.34
CA PHE A 221 4.84 21.91 -0.88
C PHE A 221 4.39 20.60 -1.53
N THR A 222 3.82 20.69 -2.73
CA THR A 222 3.46 19.53 -3.52
C THR A 222 4.65 19.04 -4.34
N PRO A 223 4.63 17.78 -4.77
CA PRO A 223 5.78 17.25 -5.54
C PRO A 223 6.09 18.06 -6.78
N GLN A 224 5.09 18.39 -7.60
CA GLN A 224 5.35 19.17 -8.81
C GLN A 224 5.89 20.55 -8.48
N PHE A 225 5.40 21.15 -7.40
CA PHE A 225 5.94 22.43 -6.97
C PHE A 225 7.42 22.32 -6.62
N LEU A 226 7.80 21.26 -5.91
CA LEU A 226 9.20 21.05 -5.59
C LEU A 226 10.03 20.85 -6.86
N LEU A 227 9.51 20.09 -7.82
CA LEU A 227 10.24 19.85 -9.06
C LEU A 227 10.47 21.16 -9.81
N GLN A 228 9.44 22.00 -9.90
CA GLN A 228 9.60 23.28 -10.60
C GLN A 228 10.50 24.23 -9.84
N LEU A 229 10.44 24.21 -8.50
CA LEU A 229 11.40 24.97 -7.70
C LEU A 229 12.83 24.56 -8.04
N ASN A 230 13.09 23.24 -8.09
CA ASN A 230 14.41 22.76 -8.42
C ASN A 230 14.84 23.21 -9.81
N GLU A 231 13.92 23.09 -10.78
CA GLU A 231 14.28 23.43 -12.16
C GLU A 231 14.58 24.92 -12.30
N THR A 232 13.76 25.78 -11.71
CA THR A 232 14.01 27.20 -11.81
C THR A 232 15.25 27.61 -11.03
N ILE A 233 15.53 26.96 -9.90
CA ILE A 233 16.76 27.24 -9.18
C ILE A 233 17.97 26.90 -10.04
N TYR A 234 17.92 25.74 -10.73
CA TYR A 234 19.03 25.36 -11.59
C TYR A 234 19.19 26.33 -12.75
N THR A 235 18.08 26.68 -13.42
CA THR A 235 18.17 27.52 -14.60
C THR A 235 18.46 28.99 -14.25
N SER A 236 18.07 29.43 -13.06
CA SER A 236 18.30 30.79 -12.62
C SER A 236 19.62 30.95 -11.87
N GLY A 237 20.42 29.89 -11.77
CA GLY A 237 21.71 29.98 -11.13
C GLY A 237 21.67 30.16 -9.64
N LYS A 238 20.52 30.00 -9.01
CA LYS A 238 20.39 30.17 -7.57
C LYS A 238 21.04 29.05 -6.77
N ARG A 239 21.73 28.12 -7.41
CA ARG A 239 22.47 27.10 -6.68
C ARG A 239 23.68 27.72 -5.98
N SER A 240 24.22 26.99 -5.02
CA SER A 240 25.43 27.41 -4.32
C SER A 240 26.61 27.40 -5.28
N ASN A 241 27.10 28.58 -5.66
CA ASN A 241 28.36 28.72 -6.37
C ASN A 241 29.55 28.85 -5.43
N THR A 242 29.42 28.32 -4.22
CA THR A 242 30.52 28.30 -3.27
C THR A 242 30.66 26.89 -2.72
N THR A 243 31.57 26.70 -1.76
CA THR A 243 31.76 25.40 -1.13
C THR A 243 30.85 25.18 0.07
N GLY A 244 30.09 26.19 0.48
CA GLY A 244 29.25 26.08 1.66
C GLY A 244 27.83 25.63 1.36
N LYS A 245 27.09 25.38 2.43
CA LYS A 245 25.69 24.96 2.33
C LYS A 245 24.80 26.19 2.24
N LEU A 246 23.94 26.21 1.22
CA LEU A 246 23.04 27.32 0.98
C LEU A 246 21.60 26.83 1.14
N ILE A 247 20.83 27.53 1.98
CA ILE A 247 19.47 27.15 2.32
C ILE A 247 18.53 28.28 1.94
N TRP A 248 17.43 27.95 1.29
CA TRP A 248 16.45 28.91 0.81
C TRP A 248 15.15 28.76 1.58
N LYS A 249 14.63 29.86 2.12
CA LYS A 249 13.28 29.94 2.64
C LYS A 249 12.43 30.74 1.66
N VAL A 250 11.21 30.28 1.43
CA VAL A 250 10.37 30.81 0.37
C VAL A 250 9.15 31.48 0.99
N ASN A 251 8.84 32.68 0.53
CA ASN A 251 7.59 33.33 0.89
C ASN A 251 6.43 32.55 0.27
N PRO A 252 5.20 32.75 0.78
CA PRO A 252 4.07 31.95 0.30
C PRO A 252 4.07 31.73 -1.20
N GLU A 253 4.07 32.83 -1.97
CA GLU A 253 4.17 32.79 -3.42
C GLU A 253 3.42 31.62 -4.05
N GLU A 260 -6.88 22.66 -0.72
CA GLU A 260 -7.07 21.33 -0.15
C GLU A 260 -7.67 20.38 -1.17
N TRP A 261 -6.98 20.18 -2.29
CA TRP A 261 -7.44 19.32 -3.37
C TRP A 261 -6.60 18.05 -3.43
N ALA A 262 -7.21 16.97 -3.91
CA ALA A 262 -6.55 15.68 -4.05
C ALA A 262 -5.86 15.58 -5.41
N PHE A 263 -4.83 14.74 -5.46
CA PHE A 263 -3.97 14.69 -6.65
C PHE A 263 -4.69 14.16 -7.88
N TRP A 264 -5.75 13.37 -7.72
CA TRP A 264 -6.43 12.78 -8.85
C TRP A 264 -7.51 13.69 -9.45
N GLU A 265 -7.66 14.90 -8.93
CA GLU A 265 -8.67 15.82 -9.44
C GLU A 265 -8.06 17.17 -9.80
N UNK A 286 23.80 29.67 6.58
CA UNK A 286 23.63 30.62 5.49
C UNK A 286 22.27 30.46 4.81
N UNK A 287 21.25 31.10 5.39
CA UNK A 287 19.90 31.06 4.82
C UNK A 287 19.63 32.31 3.97
N UNK A 288 18.63 32.20 3.10
CA UNK A 288 18.26 33.34 2.26
C UNK A 288 16.78 33.25 1.90
N UNK A 289 16.28 34.21 1.12
CA UNK A 289 14.85 34.29 0.83
C UNK A 289 14.52 34.23 -0.66
N UNK A 290 13.31 33.75 -0.95
CA UNK A 290 12.80 33.70 -2.32
C UNK A 290 11.35 34.15 -2.38
N UNK A 291 11.12 35.33 -2.95
CA UNK A 291 9.77 35.87 -3.06
C UNK A 291 9.46 36.30 -4.49
N GLU B 1 -22.39 -7.09 7.21
CA GLU B 1 -23.24 -5.96 6.84
C GLU B 1 -22.85 -5.43 5.46
N ALA B 2 -23.38 -4.26 5.12
CA ALA B 2 -23.01 -3.57 3.89
C ALA B 2 -21.90 -2.58 4.17
N ILE B 3 -21.10 -2.29 3.15
CA ILE B 3 -19.91 -1.47 3.29
C ILE B 3 -20.29 -0.01 3.12
N VAL B 4 -20.04 0.80 4.15
CA VAL B 4 -20.32 2.23 4.14
C VAL B 4 -18.99 2.97 4.11
N ASN B 5 -18.79 3.79 3.07
CA ASN B 5 -17.52 4.50 2.91
C ASN B 5 -17.52 5.72 3.83
N ALA B 6 -16.64 5.71 4.84
CA ALA B 6 -16.55 6.78 5.82
C ALA B 6 -15.22 7.53 5.72
N GLN B 7 -14.59 7.52 4.55
CA GLN B 7 -13.31 8.16 4.36
C GLN B 7 -13.48 9.62 3.95
N PRO B 8 -12.51 10.48 4.27
CA PRO B 8 -12.62 11.89 3.85
C PRO B 8 -12.73 12.04 2.34
N LYS B 9 -12.13 11.13 1.59
CA LYS B 9 -12.09 11.23 0.13
C LYS B 9 -12.14 9.82 -0.45
N CYS B 10 -12.38 9.76 -1.76
CA CYS B 10 -12.34 8.49 -2.48
C CYS B 10 -11.90 8.75 -3.91
N ASN B 11 -10.74 8.23 -4.28
CA ASN B 11 -10.34 8.22 -5.68
C ASN B 11 -11.24 7.22 -6.42
N PRO B 12 -12.21 7.67 -7.22
CA PRO B 12 -13.15 6.71 -7.82
C PRO B 12 -12.52 5.80 -8.87
N ASN B 13 -11.36 6.17 -9.42
CA ASN B 13 -10.68 5.37 -10.42
C ASN B 13 -9.55 4.59 -9.78
N LEU B 14 -9.28 3.40 -10.34
CA LEU B 14 -8.33 2.46 -9.78
C LEU B 14 -7.35 2.07 -10.89
N HIS B 15 -6.16 2.67 -10.86
CA HIS B 15 -5.06 2.29 -11.72
C HIS B 15 -4.27 1.20 -11.00
N TYR B 16 -4.43 -0.04 -11.44
CA TYR B 16 -3.91 -1.18 -10.70
C TYR B 16 -2.81 -1.89 -11.46
N TRP B 17 -1.90 -2.49 -10.70
CA TRP B 17 -0.88 -3.38 -11.21
C TRP B 17 -1.05 -4.76 -10.59
N THR B 18 -0.68 -5.79 -11.33
CA THR B 18 -0.71 -7.15 -10.81
C THR B 18 0.18 -8.03 -11.67
N THR B 19 0.13 -9.33 -11.42
CA THR B 19 0.86 -10.32 -12.20
C THR B 19 -0.13 -11.17 -12.99
N GLN B 20 0.27 -11.56 -14.20
CA GLN B 20 -0.61 -12.33 -15.07
C GLN B 20 -0.83 -13.73 -14.50
N ASP B 21 -2.05 -14.23 -14.70
CA ASP B 21 -2.38 -15.61 -14.35
C ASP B 21 -1.92 -16.50 -15.48
N GLU B 22 -0.79 -17.19 -15.27
CA GLU B 22 -0.12 -17.90 -16.35
C GLU B 22 0.18 -16.96 -17.50
N GLY B 23 -0.67 -16.95 -18.53
CA GLY B 23 -0.41 -16.10 -19.68
C GLY B 23 0.77 -16.59 -20.49
N ALA B 24 0.62 -17.74 -21.15
CA ALA B 24 1.70 -18.34 -21.91
C ALA B 24 2.46 -17.28 -22.70
N ALA B 25 3.73 -17.11 -22.37
CA ALA B 25 4.55 -16.05 -22.93
C ALA B 25 4.85 -16.30 -24.40
N ILE B 26 5.16 -15.22 -25.11
CA ILE B 26 5.52 -15.29 -26.52
C ILE B 26 6.90 -15.92 -26.64
N GLY B 27 6.96 -17.11 -27.22
CA GLY B 27 8.23 -17.77 -27.45
C GLY B 27 8.94 -18.24 -26.20
N LEU B 28 10.11 -17.66 -25.93
CA LEU B 28 10.98 -18.09 -24.84
C LEU B 28 10.95 -17.15 -23.65
N ALA B 29 9.98 -16.24 -23.58
CA ALA B 29 9.91 -15.30 -22.47
C ALA B 29 9.61 -15.96 -21.14
N TRP B 30 9.18 -17.23 -21.15
CA TRP B 30 8.87 -17.92 -19.90
C TRP B 30 10.12 -18.43 -19.18
N ILE B 31 11.21 -18.66 -19.90
CA ILE B 31 12.44 -19.09 -19.24
C ILE B 31 12.96 -17.96 -18.34
N PRO B 32 13.26 -18.23 -17.07
CA PRO B 32 13.77 -17.14 -16.21
C PRO B 32 15.02 -16.49 -16.75
N TYR B 33 15.91 -17.26 -17.39
CA TYR B 33 17.15 -16.69 -17.91
C TYR B 33 16.86 -15.64 -18.97
N PHE B 34 15.87 -15.88 -19.83
CA PHE B 34 15.50 -14.93 -20.88
C PHE B 34 14.37 -14.01 -20.50
N GLY B 35 13.64 -14.30 -19.42
CA GLY B 35 12.44 -13.58 -19.11
C GLY B 35 12.70 -12.16 -18.65
N PRO B 36 11.64 -11.45 -18.33
CA PRO B 36 11.78 -10.07 -17.84
C PRO B 36 12.36 -10.03 -16.45
N ALA B 37 12.96 -8.89 -16.12
CA ALA B 37 13.46 -8.67 -14.78
C ALA B 37 12.29 -8.46 -13.82
N ALA B 38 12.62 -8.41 -12.52
CA ALA B 38 11.58 -8.28 -11.50
C ALA B 38 10.70 -7.06 -11.74
N GLU B 39 11.26 -6.00 -12.31
CA GLU B 39 10.50 -4.77 -12.50
C GLU B 39 9.51 -4.84 -13.65
N GLY B 40 9.69 -5.79 -14.58
CA GLY B 40 8.85 -5.83 -15.76
C GLY B 40 7.98 -7.07 -15.84
N ILE B 41 7.50 -7.55 -14.71
CA ILE B 41 6.63 -8.72 -14.66
C ILE B 41 5.17 -8.33 -14.40
N TYR B 42 4.85 -7.04 -14.46
CA TYR B 42 3.54 -6.55 -14.07
C TYR B 42 2.68 -6.24 -15.28
N ILE B 43 1.40 -6.50 -15.16
CA ILE B 43 0.38 -5.99 -16.06
C ILE B 43 -0.36 -4.87 -15.35
N GLU B 44 -0.92 -3.97 -16.13
CA GLU B 44 -1.61 -2.79 -15.62
C GLU B 44 -3.04 -2.76 -16.13
N GLY B 45 -3.90 -2.09 -15.36
CA GLY B 45 -5.30 -1.96 -15.75
C GLY B 45 -5.92 -0.74 -15.12
N LEU B 46 -7.06 -0.34 -15.68
CA LEU B 46 -7.82 0.81 -15.19
C LEU B 46 -9.25 0.36 -14.93
N MET B 47 -9.76 0.66 -13.74
CA MET B 47 -11.11 0.29 -13.36
C MET B 47 -11.84 1.50 -12.79
N HIS B 48 -13.04 1.75 -13.30
CA HIS B 48 -13.83 2.87 -12.84
C HIS B 48 -14.80 2.42 -11.74
N ASN B 49 -15.64 3.34 -11.27
CA ASN B 49 -16.43 3.14 -10.07
C ASN B 49 -17.83 2.60 -10.35
N GLN B 50 -17.98 1.75 -11.36
CA GLN B 50 -19.27 1.14 -11.62
C GLN B 50 -19.75 0.40 -10.38
N ASP B 51 -21.06 0.44 -10.13
CA ASP B 51 -21.66 -0.17 -8.96
C ASP B 51 -20.98 0.33 -7.69
N GLY B 52 -20.25 1.44 -7.79
CA GLY B 52 -19.53 1.97 -6.64
C GLY B 52 -18.53 1.01 -6.06
N LEU B 53 -17.98 0.10 -6.86
CA LEU B 53 -17.11 -0.94 -6.30
C LEU B 53 -15.83 -0.34 -5.73
N ILE B 54 -15.16 0.52 -6.50
CA ILE B 54 -13.87 1.06 -6.10
C ILE B 54 -13.95 1.65 -4.70
N CYS B 55 -14.81 2.66 -4.51
CA CYS B 55 -14.95 3.27 -3.20
C CYS B 55 -15.20 2.21 -2.14
N GLY B 56 -16.11 1.28 -2.42
CA GLY B 56 -16.38 0.22 -1.46
C GLY B 56 -15.12 -0.54 -1.09
N LEU B 57 -14.33 -0.92 -2.10
CA LEU B 57 -13.07 -1.60 -1.84
C LEU B 57 -12.23 -0.79 -0.86
N ARG B 58 -12.11 0.52 -1.09
CA ARG B 58 -11.30 1.34 -0.21
C ARG B 58 -11.78 1.24 1.23
N GLN B 59 -13.09 1.26 1.43
CA GLN B 59 -13.62 1.07 2.78
C GLN B 59 -13.33 -0.35 3.26
N LEU B 60 -13.58 -1.34 2.41
CA LEU B 60 -13.39 -2.73 2.81
C LEU B 60 -11.99 -2.94 3.35
N ALA B 61 -10.99 -2.54 2.56
CA ALA B 61 -9.60 -2.67 3.01
C ALA B 61 -9.41 -2.00 4.37
N ASN B 62 -9.87 -0.75 4.51
CA ASN B 62 -9.76 -0.09 5.80
C ASN B 62 -10.37 -0.95 6.88
N GLU B 63 -11.61 -1.41 6.65
CA GLU B 63 -12.31 -2.18 7.68
C GLU B 63 -11.61 -3.50 7.97
N THR B 64 -10.88 -4.04 6.98
CA THR B 64 -10.19 -5.30 7.21
C THR B 64 -9.05 -5.14 8.20
N THR B 65 -8.42 -3.96 8.23
CA THR B 65 -7.13 -3.82 8.89
C THR B 65 -7.14 -4.43 10.30
N GLN B 66 -8.01 -3.90 11.17
CA GLN B 66 -8.08 -4.40 12.53
C GLN B 66 -8.00 -5.92 12.57
N ALA B 67 -8.98 -6.59 11.95
CA ALA B 67 -9.00 -8.05 12.04
C ALA B 67 -7.66 -8.62 11.56
N LEU B 68 -7.23 -8.19 10.38
CA LEU B 68 -5.96 -8.69 9.85
C LEU B 68 -4.85 -8.53 10.88
N GLN B 69 -4.71 -7.33 11.44
CA GLN B 69 -3.63 -7.09 12.39
C GLN B 69 -3.71 -8.08 13.54
N LEU B 70 -4.91 -8.27 14.10
CA LEU B 70 -5.02 -9.21 15.21
C LEU B 70 -4.56 -10.59 14.80
N PHE B 71 -4.98 -11.04 13.61
CA PHE B 71 -4.49 -12.31 13.10
C PHE B 71 -2.97 -12.34 13.09
N LEU B 72 -2.35 -11.30 12.51
CA LEU B 72 -0.89 -11.30 12.41
C LEU B 72 -0.23 -11.24 13.77
N ARG B 73 -0.93 -10.74 14.80
CA ARG B 73 -0.35 -10.77 16.13
C ARG B 73 -0.30 -12.18 16.67
N ALA B 74 -1.32 -12.99 16.37
CA ALA B 74 -1.43 -14.32 16.95
C ALA B 74 -0.56 -15.35 16.25
N THR B 75 -0.16 -15.09 15.00
CA THR B 75 0.60 -16.07 14.23
C THR B 75 2.10 -15.92 14.51
N THR B 76 2.80 -17.06 14.52
CA THR B 76 4.25 -17.07 14.59
C THR B 76 4.89 -17.13 13.21
N GLU B 77 4.11 -17.28 12.15
CA GLU B 77 4.66 -17.27 10.81
C GLU B 77 5.16 -15.88 10.46
N LEU B 78 6.42 -15.80 10.01
CA LEU B 78 7.00 -14.50 9.65
C LEU B 78 6.29 -13.91 8.44
N ARG B 79 6.05 -14.72 7.42
CA ARG B 79 5.34 -14.29 6.22
C ARG B 79 4.14 -15.19 6.03
N THR B 80 2.95 -14.60 5.98
CA THR B 80 1.70 -15.33 5.87
C THR B 80 1.24 -15.32 4.40
N PHE B 81 1.09 -16.52 3.83
CA PHE B 81 0.67 -16.68 2.44
C PHE B 81 -0.62 -17.48 2.31
N SER B 82 -1.27 -17.83 3.43
CA SER B 82 -2.27 -18.88 3.44
C SER B 82 -3.68 -18.40 3.75
N ILE B 83 -3.90 -17.08 3.83
CA ILE B 83 -5.21 -16.58 4.25
C ILE B 83 -6.29 -17.01 3.26
N LEU B 84 -6.03 -16.85 1.96
CA LEU B 84 -7.06 -17.15 0.97
C LEU B 84 -7.33 -18.65 0.87
N ASN B 85 -6.29 -19.47 0.97
CA ASN B 85 -6.51 -20.92 0.95
C ASN B 85 -7.30 -21.37 2.19
N ARG B 86 -6.98 -20.81 3.36
CA ARG B 86 -7.76 -21.11 4.55
C ARG B 86 -9.20 -20.69 4.37
N LYS B 87 -9.43 -19.54 3.73
CA LYS B 87 -10.80 -19.09 3.49
C LYS B 87 -11.54 -20.03 2.54
N ALA B 88 -10.85 -20.55 1.52
CA ALA B 88 -11.48 -21.52 0.63
C ALA B 88 -11.83 -22.79 1.40
N ILE B 89 -10.93 -23.26 2.26
CA ILE B 89 -11.22 -24.45 3.05
C ILE B 89 -12.41 -24.19 3.95
N ASP B 90 -12.50 -22.99 4.53
CA ASP B 90 -13.64 -22.64 5.37
C ASP B 90 -14.93 -22.57 4.55
N PHE B 91 -14.84 -22.08 3.32
CA PHE B 91 -15.99 -22.08 2.43
C PHE B 91 -16.51 -23.51 2.23
N LEU B 92 -15.60 -24.44 1.99
CA LEU B 92 -16.02 -25.83 1.79
C LEU B 92 -16.55 -26.46 3.07
N LEU B 93 -15.93 -26.13 4.21
CA LEU B 93 -16.39 -26.69 5.48
C LEU B 93 -17.75 -26.14 5.89
N GLN B 94 -18.04 -24.90 5.52
CA GLN B 94 -19.33 -24.30 5.86
C GLN B 94 -20.48 -25.09 5.26
N ARG B 95 -20.33 -25.57 4.03
CA ARG B 95 -21.40 -26.25 3.31
CA ARG B 95 -21.39 -26.24 3.22
C ARG B 95 -21.36 -27.76 3.43
N TRP B 96 -20.14 -28.35 3.48
CA TRP B 96 -19.97 -29.78 3.43
C TRP B 96 -19.24 -30.34 4.64
N GLY B 97 -19.13 -29.54 5.70
CA GLY B 97 -18.47 -30.00 6.91
C GLY B 97 -19.25 -31.07 7.65
N GLY B 98 -20.57 -31.11 7.46
CA GLY B 98 -21.40 -32.13 8.05
C GLY B 98 -22.29 -32.78 7.01
N THR B 99 -23.15 -33.68 7.48
CA THR B 99 -24.08 -34.33 6.58
C THR B 99 -25.05 -33.32 5.99
N CYS B 100 -25.37 -33.51 4.71
CA CYS B 100 -26.23 -32.58 3.98
C CYS B 100 -27.67 -33.06 4.05
N HIS B 101 -28.54 -32.24 4.64
CA HIS B 101 -29.97 -32.53 4.72
C HIS B 101 -30.65 -31.90 3.52
N ILE B 102 -31.08 -32.75 2.57
CA ILE B 102 -31.72 -32.24 1.36
C ILE B 102 -32.94 -31.41 1.74
N LEU B 103 -33.11 -30.28 1.04
CA LEU B 103 -34.17 -29.31 1.28
C LEU B 103 -33.92 -28.46 2.51
N GLY B 104 -32.85 -28.73 3.26
CA GLY B 104 -32.51 -27.94 4.42
C GLY B 104 -31.88 -26.61 4.03
N PRO B 105 -31.85 -25.67 4.97
CA PRO B 105 -31.30 -24.34 4.65
C PRO B 105 -29.78 -24.30 4.59
N ASP B 106 -29.09 -25.22 5.25
CA ASP B 106 -27.63 -25.25 5.26
C ASP B 106 -27.08 -26.35 4.37
N CYS B 107 -27.88 -26.87 3.44
CA CYS B 107 -27.45 -27.90 2.51
C CYS B 107 -27.64 -27.37 1.09
N CYS B 108 -26.55 -27.31 0.32
CA CYS B 108 -26.59 -26.78 -1.04
C CYS B 108 -26.73 -27.92 -2.06
N ILE B 109 -27.83 -28.66 -1.94
CA ILE B 109 -28.16 -29.74 -2.86
C ILE B 109 -29.54 -29.47 -3.44
N GLU B 110 -29.64 -29.45 -4.77
CA GLU B 110 -30.88 -29.11 -5.45
C GLU B 110 -31.44 -30.34 -6.17
N PRO B 111 -32.48 -30.99 -5.61
CA PRO B 111 -33.13 -32.11 -6.30
C PRO B 111 -34.28 -31.65 -7.20
N ALA B 112 -34.03 -30.66 -8.05
CA ALA B 112 -35.06 -30.14 -8.93
C ALA B 112 -35.24 -31.04 -10.15
N ASP B 113 -34.19 -31.21 -10.94
CA ASP B 113 -34.26 -32.13 -12.07
C ASP B 113 -34.46 -33.57 -11.64
N TRP B 114 -34.17 -33.89 -10.38
CA TRP B 114 -34.52 -35.20 -9.84
C TRP B 114 -35.96 -35.26 -9.38
N THR B 115 -36.53 -34.12 -8.99
CA THR B 115 -37.94 -34.08 -8.63
C THR B 115 -38.83 -34.40 -9.82
N LYS B 116 -38.48 -33.86 -10.99
CA LYS B 116 -39.20 -34.15 -12.23
C LYS B 116 -38.61 -35.39 -12.88
N ASN B 117 -38.80 -36.52 -12.19
CA ASN B 117 -38.34 -37.82 -12.67
C ASN B 117 -39.12 -38.92 -11.95
C1 NAG C . -9.69 3.70 8.57
C2 NAG C . -8.30 4.00 9.14
C3 NAG C . -8.40 4.93 10.35
C4 NAG C . -9.18 6.20 10.01
C5 NAG C . -10.53 5.81 9.42
C6 NAG C . -11.33 7.00 8.94
C7 NAG C . -6.39 2.48 9.05
C8 NAG C . -5.80 1.18 9.54
N2 NAG C . -7.60 2.78 9.50
O3 NAG C . -7.09 5.23 10.82
O4 NAG C . -9.43 6.97 11.18
O5 NAG C . -10.38 4.93 8.29
O6 NAG C . -10.69 7.61 7.83
O7 NAG C . -5.78 3.21 8.27
C1 NAG C . -8.38 7.82 11.69
C2 NAG C . -8.91 9.25 11.94
C3 NAG C . -7.81 10.12 12.54
C4 NAG C . -7.21 9.47 13.77
C5 NAG C . -6.74 8.05 13.46
C6 NAG C . -6.25 7.32 14.69
C7 NAG C . -10.72 10.06 10.51
C8 NAG C . -11.08 10.70 9.20
N2 NAG C . -9.42 9.85 10.72
O3 NAG C . -8.38 11.39 12.88
O4 NAG C . -6.09 10.23 14.24
O5 NAG C . -7.83 7.29 12.91
O6 NAG C . -6.38 5.91 14.56
O7 NAG C . -11.57 9.74 11.34
C1 BMA C . -6.29 10.74 15.57
C2 BMA C . -4.90 10.87 16.31
C3 BMA C . -5.06 11.59 17.69
C4 BMA C . -5.99 12.83 17.59
C5 BMA C . -7.30 12.51 16.85
C6 BMA C . -8.16 13.72 16.65
O2 BMA C . -3.96 11.62 15.53
O3 BMA C . -3.82 12.03 18.27
O4 BMA C . -6.27 13.33 18.90
O5 BMA C . -6.97 11.99 15.55
O6 BMA C . -7.98 14.18 15.32
C1 MAN C . -2.95 10.95 18.65
C2 MAN C . -2.56 11.13 20.15
C3 MAN C . -1.66 12.38 20.34
C4 MAN C . -0.53 12.45 19.26
C5 MAN C . -1.11 12.23 17.85
C6 MAN C . -0.06 12.19 16.76
O2 MAN C . -1.80 10.01 20.64
O3 MAN C . -1.10 12.45 21.66
O4 MAN C . 0.13 13.70 19.31
O5 MAN C . -1.82 10.97 17.83
O6 MAN C . 1.13 11.63 17.31
C1 MAN C . -7.17 15.37 15.29
C2 MAN C . -7.87 16.49 16.11
C3 MAN C . -9.16 16.95 15.40
C4 MAN C . -8.92 17.21 13.88
C5 MAN C . -8.21 16.00 13.24
C6 MAN C . -7.88 16.19 11.76
O2 MAN C . -7.04 17.66 16.24
O3 MAN C . -9.76 18.08 16.04
O4 MAN C . -10.16 17.45 13.22
O5 MAN C . -6.98 15.75 13.95
O6 MAN C . -7.81 14.91 11.15
C1 NAG D . 16.73 19.55 -10.84
C2 NAG D . 16.51 18.06 -11.05
C3 NAG D . 17.64 17.47 -11.89
C4 NAG D . 17.81 18.27 -13.17
C5 NAG D . 18.03 19.74 -12.84
C6 NAG D . 18.14 20.61 -14.08
C7 NAG D . 15.25 16.77 -9.37
C8 NAG D . 15.31 16.09 -8.04
N2 NAG D . 16.39 17.35 -9.79
O3 NAG D . 17.36 16.11 -12.17
O4 NAG D . 18.96 17.77 -13.88
O5 NAG D . 16.91 20.23 -12.08
O6 NAG D . 16.96 20.56 -14.86
O7 NAG D . 14.23 16.80 -10.05
C1 NAG E . 26.19 13.95 -3.31
C2 NAG E . 27.08 13.39 -4.42
C3 NAG E . 27.01 11.87 -4.42
C4 NAG E . 27.30 11.31 -3.03
C5 NAG E . 26.35 11.94 -2.02
C6 NAG E . 26.62 11.50 -0.60
C7 NAG E . 27.43 14.81 -6.38
C8 NAG E . 26.89 15.24 -7.71
N2 NAG E . 26.69 13.92 -5.71
O3 NAG E . 27.94 11.36 -5.37
O4 NAG E . 27.10 9.90 -3.04
O5 NAG E . 26.50 13.37 -2.05
O6 NAG E . 27.93 11.88 -0.18
O7 NAG E . 28.49 15.24 -5.93
C1 NAG F . 7.26 17.64 22.13
C2 NAG F . 6.90 19.03 22.64
C3 NAG F . 7.62 19.30 23.97
C4 NAG F . 7.31 18.19 24.96
C5 NAG F . 7.63 16.83 24.34
C6 NAG F . 7.24 15.67 25.22
C7 NAG F . 6.41 20.45 20.73
C8 NAG F . 7.02 21.23 19.59
N2 NAG F . 7.25 20.05 21.67
O3 NAG F . 7.22 20.56 24.48
O4 NAG F . 8.14 18.38 26.11
O5 NAG F . 6.89 16.67 23.11
O6 NAG F . 7.55 15.91 26.59
O7 NAG F . 5.21 20.20 20.78
C1 NAG G . 26.61 33.28 -7.46
C2 NAG G . 25.31 32.69 -7.99
C3 NAG G . 24.11 33.47 -7.46
C4 NAG G . 24.17 33.54 -5.94
C5 NAG G . 25.50 34.10 -5.47
C6 NAG G . 25.67 34.04 -3.97
C7 NAG G . 25.65 33.68 -10.21
C8 NAG G . 26.08 34.93 -9.49
N2 NAG G . 25.31 32.65 -9.44
O3 NAG G . 22.91 32.84 -7.89
O4 NAG G . 23.11 34.38 -5.45
O5 NAG G . 26.58 33.32 -6.02
O6 NAG G . 25.74 32.69 -3.52
O7 NAG G . 25.63 33.62 -11.43
C1 XJ5 H . -7.48 -9.13 -10.50
C10 XJ5 H . -7.62 -6.95 -9.29
C11 XJ5 H . -8.46 -5.70 -8.98
C12 XJ5 H . -8.79 -5.00 -10.31
C13 XJ5 H . -9.55 -5.94 -11.25
C14 XJ5 H . -8.69 -7.18 -11.55
C15 XJ5 H . -7.69 -4.75 -8.05
C16 XJ5 H . -6.31 -4.60 -8.14
C17 XJ5 H . -5.63 -3.73 -7.30
C18 XJ5 H . -6.31 -2.99 -6.36
C19 XJ5 H . -7.68 -3.12 -6.26
C2 XJ5 H . -9.24 -10.11 -11.95
C20 XJ5 H . -8.36 -3.99 -7.10
C21 XJ5 H . -9.78 -6.16 -8.33
C22 XJ5 H . -10.56 -7.10 -9.25
C23 XJ5 H . -10.85 -6.38 -10.57
C24 XJ5 H . -11.86 -7.52 -8.58
C3 XJ5 H . -9.17 -10.30 -13.47
C32 XJ5 H . -9.69 -8.33 -9.56
C4 XJ5 H . -7.99 -9.53 -14.05
C5 XJ5 H . -6.65 -10.01 -13.45
C6 XJ5 H . -5.75 -8.81 -13.14
C7 XJ5 H . -5.92 -10.91 -14.47
C8 XJ5 H . -6.91 -10.82 -12.17
C9 XJ5 H . -8.38 -7.91 -10.23
N1 XJ5 H . -7.90 -10.12 -11.34
N2 XJ5 H . -8.00 -9.58 -15.52
O1 XJ5 H . -6.39 -9.21 -9.94
C1 GOL I . -10.16 1.63 12.70
O1 GOL I . -10.29 2.93 12.23
C2 GOL I . -9.76 0.74 11.50
O2 GOL I . -10.48 1.07 10.36
C3 GOL I . -10.00 -0.71 11.97
O3 GOL I . -10.07 -1.51 10.81
#